data_7A1Q
#
_entry.id   7A1Q
#
_cell.length_a   85.968
_cell.length_b   85.968
_cell.length_c   148.177
_cell.angle_alpha   90.000
_cell.angle_beta   90.000
_cell.angle_gamma   90.000
#
_symmetry.space_group_name_H-M   'P 41 21 2'
#
loop_
_entity.id
_entity.type
_entity.pdbx_description
1 polymer 'Hypoxia-inducible factor 1-alpha inhibitor'
2 polymer 'CONSENSUS ANKYRIN REPEAT DOMAIN'
3 non-polymer 'ZINC ION'
4 non-polymer 'SULFATE ION'
5 non-polymer '3-(carboxycarbonyl)cyclopentane-1-carboxylic acid'
6 water water
#
loop_
_entity_poly.entity_id
_entity_poly.type
_entity_poly.pdbx_seq_one_letter_code
_entity_poly.pdbx_strand_id
1 'polypeptide(L)'
;MAATAAEAVASGSGEPREEAGALGPAWDESQLRSYSFPTRPIPRLSQSDPRAEELIENEEPVVLTDTNLVYPALKWDLEY
LQENIGNGDFSVYSASTHKFLYYDEKKMANFQNFKPRSNREEMKFHEFVEKLQDIQQRGGEERLYLQQTLNDTVGRKIVM
DFLGFNWNWINKQQGKRGWGQLTSNLLLIGMEGNVTPAHYDEQQNFFAQIKGYKRCILFPPDQFECLYPYPVHHPCDRQS
QVDFDNPDYERFPNFQNVVGYETVVGPGDVLYIPMYWWHHIESLLNGGITITVNFWYKGAPTPKRIEYPLKAHQKVAIMR
NIEKMLGEALGNPQEVGPLLNTMIKGRYN
;
A
2 'polypeptide(L)' HLEVVKLLLEAGADVNAQDK B
#
loop_
_chem_comp.id
_chem_comp.type
_chem_comp.name
_chem_comp.formula
QVQ non-polymer '3-(carboxycarbonyl)cyclopentane-1-carboxylic acid' 'C8 H10 O5'
SO4 non-polymer 'SULFATE ION' 'O4 S -2'
ZN non-polymer 'ZINC ION' 'Zn 2'
#
# COMPACT_ATOMS: atom_id res chain seq x y z
N GLY A 12 1.88 -20.21 0.62
CA GLY A 12 2.99 -19.53 1.24
C GLY A 12 3.73 -18.59 0.30
N SER A 13 4.84 -18.04 0.80
CA SER A 13 5.66 -17.11 0.02
C SER A 13 6.74 -17.80 -0.80
N GLY A 14 6.96 -19.09 -0.58
CA GLY A 14 8.11 -19.77 -1.12
C GLY A 14 9.21 -19.88 -0.06
N GLU A 15 10.13 -20.81 -0.29
CA GLU A 15 11.21 -21.06 0.65
C GLU A 15 11.93 -19.74 0.96
N PRO A 16 12.18 -19.44 2.24
CA PRO A 16 12.97 -18.24 2.56
C PRO A 16 14.29 -18.23 1.81
N ARG A 17 14.57 -17.10 1.16
CA ARG A 17 15.80 -16.94 0.40
C ARG A 17 17.02 -17.06 1.31
N GLU A 18 18.05 -17.75 0.82
CA GLU A 18 19.30 -17.94 1.56
C GLU A 18 20.29 -16.84 1.16
N GLU A 19 20.80 -16.12 2.15
CA GLU A 19 21.68 -14.99 1.89
C GLU A 19 23.07 -15.45 1.44
N ALA A 20 23.67 -14.64 0.57
CA ALA A 20 24.99 -14.95 0.04
C ALA A 20 26.04 -14.94 1.15
N GLY A 21 27.16 -15.60 0.89
CA GLY A 21 28.17 -15.75 1.91
C GLY A 21 27.80 -16.69 3.03
N ALA A 22 26.82 -17.57 2.80
CA ALA A 22 26.41 -18.59 3.76
C ALA A 22 25.89 -17.97 5.06
N LEU A 23 25.22 -16.83 4.96
CA LEU A 23 24.72 -16.13 6.13
C LEU A 23 23.38 -16.68 6.62
N GLY A 24 22.92 -17.80 6.07
CA GLY A 24 21.74 -18.46 6.57
C GLY A 24 20.46 -17.88 6.04
N PRO A 25 19.33 -18.47 6.42
CA PRO A 25 18.04 -17.96 5.93
C PRO A 25 17.82 -16.53 6.38
N ALA A 26 17.46 -15.67 5.42
CA ALA A 26 17.19 -14.28 5.74
C ALA A 26 16.11 -14.18 6.83
N TRP A 27 15.09 -15.01 6.75
CA TRP A 27 13.97 -14.99 7.68
C TRP A 27 13.43 -16.42 7.76
N ASP A 28 12.42 -16.63 8.59
CA ASP A 28 11.80 -17.94 8.68
C ASP A 28 10.30 -17.77 8.91
N GLU A 29 9.58 -18.87 8.69
CA GLU A 29 8.12 -18.81 8.66
C GLU A 29 7.53 -18.41 10.00
N SER A 30 8.27 -18.61 11.10
CA SER A 30 7.77 -18.23 12.41
C SER A 30 7.57 -16.73 12.56
N GLN A 31 8.16 -15.94 11.67
CA GLN A 31 8.06 -14.49 11.71
C GLN A 31 6.85 -13.96 10.94
N LEU A 32 6.03 -14.85 10.38
CA LEU A 32 4.86 -14.46 9.60
C LEU A 32 3.60 -14.63 10.43
N ARG A 33 2.69 -13.68 10.31
CA ARG A 33 1.41 -13.79 11.01
C ARG A 33 0.53 -14.85 10.35
N SER A 34 -0.43 -15.35 11.12
CA SER A 34 -1.29 -16.46 10.70
C SER A 34 -2.66 -15.94 10.26
N TYR A 35 -3.08 -16.32 9.05
CA TYR A 35 -4.34 -15.86 8.49
C TYR A 35 -5.16 -17.03 7.95
N SER A 36 -6.39 -16.72 7.54
CA SER A 36 -7.41 -17.72 7.26
C SER A 36 -7.42 -18.22 5.82
N PHE A 37 -6.67 -17.59 4.92
CA PHE A 37 -6.82 -17.85 3.50
C PHE A 37 -5.56 -18.45 2.91
N PRO A 38 -5.69 -19.21 1.82
CA PRO A 38 -4.51 -19.71 1.12
C PRO A 38 -3.87 -18.62 0.26
N THR A 39 -2.60 -18.84 -0.07
CA THR A 39 -1.88 -17.96 -0.98
C THR A 39 -1.03 -18.80 -1.91
N ARG A 40 -0.58 -18.18 -2.99
CA ARG A 40 0.46 -18.72 -3.85
C ARG A 40 1.49 -17.62 -4.09
N PRO A 41 2.70 -18.00 -4.47
CA PRO A 41 3.80 -17.00 -4.46
C PRO A 41 3.79 -16.08 -5.68
N ILE A 42 4.15 -14.82 -5.43
CA ILE A 42 4.43 -13.88 -6.50
C ILE A 42 5.76 -14.25 -7.14
N PRO A 43 5.88 -14.27 -8.47
CA PRO A 43 7.15 -14.64 -9.09
C PRO A 43 8.27 -13.69 -8.67
N ARG A 44 9.46 -14.25 -8.43
CA ARG A 44 10.67 -13.46 -8.21
C ARG A 44 11.58 -13.64 -9.41
N LEU A 45 11.87 -12.56 -10.12
CA LEU A 45 12.53 -12.64 -11.41
C LEU A 45 13.56 -11.54 -11.57
N SER A 46 14.46 -11.72 -12.52
CA SER A 46 15.36 -10.66 -12.93
C SER A 46 14.64 -9.66 -13.82
N GLN A 47 15.04 -8.39 -13.71
CA GLN A 47 14.44 -7.37 -14.55
C GLN A 47 14.71 -7.62 -16.04
N SER A 48 15.72 -8.41 -16.37
CA SER A 48 16.01 -8.77 -17.75
C SER A 48 15.20 -9.97 -18.23
N ASP A 49 14.35 -10.54 -17.38
CA ASP A 49 13.59 -11.73 -17.75
C ASP A 49 12.34 -11.30 -18.52
N PRO A 50 12.14 -11.79 -19.75
CA PRO A 50 10.93 -11.36 -20.49
C PRO A 50 9.64 -11.67 -19.77
N ARG A 51 9.61 -12.68 -18.90
CA ARG A 51 8.41 -12.94 -18.12
C ARG A 51 8.11 -11.79 -17.16
N ALA A 52 9.15 -11.12 -16.67
CA ALA A 52 8.93 -9.97 -15.79
C ALA A 52 8.25 -8.83 -16.56
N GLU A 53 8.73 -8.54 -17.77
CA GLU A 53 8.09 -7.53 -18.59
C GLU A 53 6.65 -7.93 -18.93
N GLU A 54 6.42 -9.23 -19.13
CA GLU A 54 5.09 -9.70 -19.47
C GLU A 54 4.11 -9.45 -18.33
N LEU A 55 4.56 -9.65 -17.09
CA LEU A 55 3.68 -9.46 -15.95
C LEU A 55 3.35 -7.99 -15.73
N ILE A 56 4.37 -7.12 -15.80
CA ILE A 56 4.11 -5.69 -15.64
C ILE A 56 3.16 -5.21 -16.72
N GLU A 57 3.39 -5.62 -17.97
CA GLU A 57 2.53 -5.20 -19.07
C GLU A 57 1.08 -5.62 -18.84
N ASN A 58 0.87 -6.80 -18.26
CA ASN A 58 -0.47 -7.30 -18.02
C ASN A 58 -1.01 -6.88 -16.66
N GLU A 59 -0.34 -5.96 -15.99
CA GLU A 59 -0.76 -5.43 -14.69
C GLU A 59 -0.98 -6.56 -13.70
N GLU A 60 0.05 -7.41 -13.59
CA GLU A 60 0.15 -8.45 -12.59
C GLU A 60 1.42 -8.25 -11.77
N PRO A 61 1.40 -8.63 -10.50
CA PRO A 61 2.56 -8.35 -9.63
C PRO A 61 3.74 -9.25 -9.94
N VAL A 62 4.93 -8.70 -9.70
CA VAL A 62 6.19 -9.40 -9.88
C VAL A 62 7.18 -8.75 -8.92
N VAL A 63 8.05 -9.57 -8.33
CA VAL A 63 9.19 -9.07 -7.56
C VAL A 63 10.40 -9.09 -8.47
N LEU A 64 11.03 -7.93 -8.64
CA LEU A 64 12.26 -7.80 -9.40
C LEU A 64 13.43 -7.73 -8.43
N THR A 65 14.41 -8.61 -8.63
CA THR A 65 15.47 -8.80 -7.65
C THR A 65 16.73 -7.99 -7.94
N ASP A 66 16.84 -7.38 -9.12
CA ASP A 66 18.12 -6.82 -9.55
C ASP A 66 17.93 -5.52 -10.32
N THR A 67 16.97 -4.69 -9.91
CA THR A 67 16.79 -3.44 -10.65
C THR A 67 17.83 -2.39 -10.28
N ASN A 68 18.40 -2.47 -9.07
CA ASN A 68 19.22 -1.39 -8.50
C ASN A 68 18.44 -0.09 -8.38
N LEU A 69 17.12 -0.19 -8.29
CA LEU A 69 16.28 1.01 -8.28
C LEU A 69 16.66 1.97 -7.16
N VAL A 70 16.91 1.46 -5.95
CA VAL A 70 17.28 2.34 -4.84
C VAL A 70 18.62 1.94 -4.26
N TYR A 71 19.55 1.53 -5.12
CA TYR A 71 20.85 1.05 -4.66
C TYR A 71 21.54 2.00 -3.69
N PRO A 72 21.60 3.32 -3.94
CA PRO A 72 22.28 4.20 -2.96
C PRO A 72 21.56 4.29 -1.62
N ALA A 73 20.29 3.91 -1.54
CA ALA A 73 19.57 3.93 -0.27
C ALA A 73 19.78 2.67 0.55
N LEU A 74 20.42 1.64 -0.01
CA LEU A 74 20.58 0.41 0.74
C LEU A 74 21.48 0.58 1.95
N LYS A 75 22.27 1.65 2.01
CA LYS A 75 23.09 1.96 3.17
C LYS A 75 22.33 2.74 4.22
N TRP A 76 21.06 3.06 3.98
CA TRP A 76 20.30 3.88 4.91
C TRP A 76 19.97 3.13 6.19
N ASP A 77 20.22 3.77 7.35
CA ASP A 77 19.71 3.34 8.64
C ASP A 77 19.31 4.60 9.40
N LEU A 78 18.87 4.44 10.65
CA LEU A 78 18.40 5.60 11.39
C LEU A 78 19.53 6.60 11.61
N GLU A 79 20.76 6.13 11.87
CA GLU A 79 21.84 7.07 12.12
C GLU A 79 22.15 7.88 10.88
N TYR A 80 22.29 7.22 9.72
CA TYR A 80 22.56 7.92 8.48
C TYR A 80 21.43 8.89 8.14
N LEU A 81 20.18 8.42 8.24
CA LEU A 81 19.06 9.29 7.87
C LEU A 81 18.98 10.50 8.79
N GLN A 82 19.12 10.28 10.10
CA GLN A 82 19.05 11.38 11.05
C GLN A 82 20.14 12.42 10.76
N GLU A 83 21.33 11.96 10.40
CA GLU A 83 22.42 12.90 10.12
C GLU A 83 22.15 13.71 8.87
N ASN A 84 21.38 13.17 7.92
CA ASN A 84 21.37 13.71 6.57
C ASN A 84 20.01 14.07 6.00
N ILE A 85 18.90 13.66 6.62
CA ILE A 85 17.60 13.85 6.00
C ILE A 85 17.02 15.22 6.30
N GLY A 86 17.73 16.07 7.03
CA GLY A 86 17.31 17.45 7.20
C GLY A 86 16.40 17.64 8.40
N ASN A 87 15.89 18.87 8.49
CA ASN A 87 15.07 19.28 9.62
C ASN A 87 13.62 19.57 9.24
N GLY A 88 13.10 18.87 8.24
CA GLY A 88 11.69 18.98 7.91
C GLY A 88 10.83 18.16 8.85
N ASP A 89 9.52 18.36 8.73
CA ASP A 89 8.58 17.58 9.51
C ASP A 89 8.35 16.22 8.85
N PHE A 90 8.17 15.20 9.69
CA PHE A 90 7.84 13.85 9.24
C PHE A 90 6.56 13.41 9.92
N SER A 91 5.63 12.87 9.14
CA SER A 91 4.41 12.29 9.69
C SER A 91 4.75 10.96 10.34
N VAL A 92 4.42 10.82 11.62
CA VAL A 92 4.68 9.60 12.37
C VAL A 92 3.36 9.16 12.99
N TYR A 93 2.90 7.97 12.63
CA TYR A 93 1.68 7.44 13.20
C TYR A 93 2.00 6.63 14.45
N SER A 94 1.12 6.73 15.44
N SER A 94 1.13 6.73 15.44
CA SER A 94 1.24 5.97 16.68
CA SER A 94 1.23 5.98 16.68
C SER A 94 -0.03 5.16 16.90
C SER A 94 -0.03 5.16 16.89
N ALA A 95 0.15 3.92 17.34
CA ALA A 95 -0.97 3.04 17.60
C ALA A 95 -0.64 2.14 18.78
N SER A 96 -1.69 1.72 19.49
CA SER A 96 -1.60 0.70 20.53
C SER A 96 -1.86 -0.70 19.99
N THR A 97 -2.07 -0.84 18.68
CA THR A 97 -2.25 -2.11 18.01
C THR A 97 -1.22 -2.25 16.90
N HIS A 98 -1.00 -3.48 16.44
CA HIS A 98 -0.10 -3.67 15.31
C HIS A 98 -0.70 -3.16 14.00
N LYS A 99 -2.00 -2.95 13.94
CA LYS A 99 -2.66 -2.59 12.68
C LYS A 99 -2.68 -1.07 12.52
N PHE A 100 -2.01 -0.59 11.47
CA PHE A 100 -2.03 0.83 11.12
C PHE A 100 -2.98 1.03 9.95
N LEU A 101 -4.27 0.94 10.27
CA LEU A 101 -5.32 1.12 9.29
C LEU A 101 -5.32 2.55 8.78
N TYR A 102 -5.18 2.73 7.46
CA TYR A 102 -5.16 4.07 6.90
C TYR A 102 -6.55 4.68 6.93
N TYR A 103 -6.61 5.99 7.21
CA TYR A 103 -7.86 6.72 7.10
C TYR A 103 -7.58 8.15 6.69
N ASP A 104 -8.53 8.74 5.97
CA ASP A 104 -8.43 10.12 5.51
C ASP A 104 -9.04 11.04 6.56
N GLU A 105 -8.18 11.82 7.24
CA GLU A 105 -8.66 12.77 8.23
C GLU A 105 -9.74 13.68 7.67
N LYS A 106 -9.67 13.99 6.37
CA LYS A 106 -10.58 14.97 5.79
C LYS A 106 -12.00 14.42 5.64
N LYS A 107 -12.19 13.11 5.71
CA LYS A 107 -13.53 12.53 5.62
C LYS A 107 -14.14 12.24 6.99
N MET A 108 -13.42 12.52 8.09
CA MET A 108 -13.93 12.17 9.41
C MET A 108 -15.21 12.92 9.73
N ALA A 109 -15.42 14.10 9.13
CA ALA A 109 -16.65 14.84 9.37
C ALA A 109 -17.88 14.05 8.92
N ASN A 110 -17.76 13.25 7.85
CA ASN A 110 -18.89 12.46 7.37
C ASN A 110 -19.30 11.38 8.36
N PHE A 111 -18.38 10.92 9.22
CA PHE A 111 -18.57 9.76 10.07
C PHE A 111 -18.02 10.11 11.45
N GLN A 112 -18.76 10.93 12.19
CA GLN A 112 -18.29 11.36 13.50
C GLN A 112 -18.24 10.23 14.51
N ASN A 113 -18.81 9.07 14.19
CA ASN A 113 -18.72 7.91 15.06
C ASN A 113 -17.46 7.07 14.82
N PHE A 114 -16.66 7.41 13.82
CA PHE A 114 -15.42 6.68 13.55
C PHE A 114 -14.32 7.18 14.48
N LYS A 115 -13.78 6.27 15.30
CA LYS A 115 -12.70 6.60 16.22
C LYS A 115 -11.44 5.90 15.78
N PRO A 116 -10.51 6.59 15.10
CA PRO A 116 -9.31 5.91 14.61
C PRO A 116 -8.45 5.38 15.75
N ARG A 117 -7.83 4.22 15.48
CA ARG A 117 -6.93 3.59 16.44
C ARG A 117 -5.48 4.02 16.28
N SER A 118 -5.17 4.79 15.24
CA SER A 118 -3.86 5.39 15.06
C SER A 118 -4.00 6.89 14.98
N ASN A 119 -2.98 7.60 15.43
CA ASN A 119 -2.96 9.06 15.47
C ASN A 119 -1.72 9.54 14.73
N ARG A 120 -1.83 10.68 14.05
CA ARG A 120 -0.73 11.26 13.30
C ARG A 120 -0.11 12.39 14.13
N GLU A 121 1.22 12.36 14.26
CA GLU A 121 1.96 13.42 14.94
C GLU A 121 3.11 13.84 14.03
N GLU A 122 3.27 15.14 13.85
CA GLU A 122 4.37 15.70 13.08
C GLU A 122 5.57 15.92 14.00
N MET A 123 6.75 15.49 13.57
CA MET A 123 7.94 15.70 14.39
C MET A 123 9.16 15.70 13.49
N LYS A 124 10.28 16.15 14.06
CA LYS A 124 11.56 16.08 13.39
C LYS A 124 12.09 14.65 13.41
N PHE A 125 12.97 14.34 12.47
CA PHE A 125 13.45 12.97 12.37
C PHE A 125 14.15 12.52 13.64
N HIS A 126 14.93 13.41 14.28
CA HIS A 126 15.61 13.02 15.49
C HIS A 126 14.62 12.72 16.62
N GLU A 127 13.47 13.39 16.63
CA GLU A 127 12.46 13.11 17.64
C GLU A 127 11.81 11.75 17.41
N PHE A 128 11.70 11.33 16.15
CA PHE A 128 11.21 9.98 15.85
C PHE A 128 12.18 8.94 16.36
N VAL A 129 13.48 9.13 16.11
CA VAL A 129 14.48 8.18 16.59
C VAL A 129 14.45 8.12 18.11
N GLU A 130 14.32 9.27 18.77
CA GLU A 130 14.30 9.29 20.23
C GLU A 130 13.05 8.63 20.80
N LYS A 131 11.88 8.90 20.21
CA LYS A 131 10.67 8.24 20.69
C LYS A 131 10.79 6.73 20.53
N LEU A 132 11.29 6.29 19.38
CA LEU A 132 11.55 4.87 19.16
C LEU A 132 12.47 4.31 20.24
N GLN A 133 13.51 5.06 20.60
CA GLN A 133 14.45 4.57 21.60
C GLN A 133 13.81 4.50 22.98
N ASP A 134 13.02 5.51 23.34
N ASP A 134 13.00 5.50 23.34
CA ASP A 134 12.31 5.49 24.61
CA ASP A 134 12.33 5.46 24.63
C ASP A 134 11.45 4.23 24.72
C ASP A 134 11.43 4.24 24.74
N ILE A 135 10.70 3.93 23.67
CA ILE A 135 9.79 2.79 23.70
C ILE A 135 10.56 1.49 23.93
N GLN A 136 11.65 1.29 23.19
CA GLN A 136 12.37 0.02 23.31
C GLN A 136 12.95 -0.16 24.72
N GLN A 137 13.53 0.90 25.28
CA GLN A 137 14.12 0.78 26.62
C GLN A 137 13.05 0.48 27.67
N ARG A 138 11.95 1.24 27.66
CA ARG A 138 10.90 1.07 28.65
C ARG A 138 10.06 -0.18 28.41
N GLY A 139 10.32 -0.94 27.36
CA GLY A 139 9.51 -2.12 27.06
C GLY A 139 8.07 -1.79 26.74
N GLY A 140 7.79 -0.56 26.32
CA GLY A 140 6.41 -0.19 26.01
C GLY A 140 5.85 -0.98 24.84
N GLU A 141 4.53 -0.98 24.76
CA GLU A 141 3.83 -1.64 23.67
C GLU A 141 3.41 -0.68 22.57
N GLU A 142 3.63 0.63 22.75
CA GLU A 142 3.28 1.60 21.72
C GLU A 142 4.06 1.32 20.44
N ARG A 143 3.40 1.52 19.30
CA ARG A 143 4.01 1.31 18.00
C ARG A 143 4.04 2.62 17.22
N LEU A 144 5.11 2.81 16.45
CA LEU A 144 5.27 3.96 15.58
C LEU A 144 5.43 3.51 14.13
N TYR A 145 4.94 4.33 13.20
CA TYR A 145 5.12 4.09 11.78
C TYR A 145 5.33 5.44 11.10
N LEU A 146 6.56 5.74 10.73
CA LEU A 146 6.86 6.94 9.97
C LEU A 146 6.45 6.72 8.52
N GLN A 147 5.61 7.62 8.00
CA GLN A 147 5.15 7.55 6.61
C GLN A 147 5.16 8.98 6.09
N GLN A 148 6.17 9.31 5.29
CA GLN A 148 6.39 10.69 4.87
C GLN A 148 6.83 10.75 3.41
N THR A 149 6.16 11.60 2.65
CA THR A 149 6.57 11.91 1.29
C THR A 149 7.90 12.65 1.29
N LEU A 150 8.82 12.18 0.45
CA LEU A 150 10.11 12.84 0.30
C LEU A 150 9.94 14.16 -0.44
N ASN A 151 10.63 15.20 0.02
CA ASN A 151 10.47 16.54 -0.54
C ASN A 151 11.80 17.27 -0.51
N ASP A 152 11.74 18.58 -0.81
CA ASP A 152 12.91 19.44 -1.01
C ASP A 152 13.66 19.78 0.27
N THR A 153 13.10 19.46 1.42
CA THR A 153 13.77 19.82 2.67
C THR A 153 14.85 18.82 3.06
N VAL A 154 15.05 17.75 2.28
CA VAL A 154 16.03 16.74 2.65
C VAL A 154 17.43 17.29 2.41
N GLY A 155 18.39 16.76 3.17
CA GLY A 155 19.75 17.25 3.11
C GLY A 155 20.51 16.81 1.87
N ARG A 156 21.70 17.39 1.73
CA ARG A 156 22.49 17.21 0.51
C ARG A 156 22.75 15.73 0.20
N LYS A 157 23.10 14.94 1.21
CA LYS A 157 23.47 13.55 0.94
C LYS A 157 22.25 12.73 0.53
N ILE A 158 21.07 13.04 1.04
CA ILE A 158 19.86 12.34 0.60
C ILE A 158 19.53 12.74 -0.83
N VAL A 159 19.66 14.02 -1.16
CA VAL A 159 19.49 14.46 -2.54
C VAL A 159 20.38 13.65 -3.47
N MET A 160 21.67 13.53 -3.12
CA MET A 160 22.59 12.79 -3.97
C MET A 160 22.16 11.32 -4.08
N ASP A 161 21.75 10.70 -2.96
CA ASP A 161 21.29 9.32 -3.01
C ASP A 161 20.09 9.18 -3.94
N PHE A 162 19.11 10.08 -3.79
CA PHE A 162 17.89 10.07 -4.60
C PHE A 162 18.23 10.23 -6.08
N LEU A 163 19.15 11.15 -6.41
CA LEU A 163 19.56 11.33 -7.80
C LEU A 163 20.17 10.05 -8.36
N GLY A 164 20.76 9.22 -7.51
CA GLY A 164 21.38 7.97 -7.88
C GLY A 164 20.45 6.79 -7.98
N PHE A 165 19.16 6.97 -7.75
CA PHE A 165 18.21 5.90 -8.05
C PHE A 165 18.28 5.57 -9.54
N ASN A 166 17.80 4.37 -9.91
CA ASN A 166 17.86 3.94 -11.31
C ASN A 166 16.69 4.55 -12.08
N TRP A 167 16.80 5.86 -12.32
CA TRP A 167 15.77 6.56 -13.10
C TRP A 167 15.74 6.08 -14.53
N ASN A 168 16.88 5.62 -15.06
CA ASN A 168 16.87 5.09 -16.42
C ASN A 168 15.87 3.94 -16.53
N TRP A 169 15.94 3.00 -15.59
CA TRP A 169 15.07 1.81 -15.66
C TRP A 169 13.61 2.19 -15.43
N ILE A 170 13.33 2.96 -14.39
CA ILE A 170 11.92 3.20 -14.04
C ILE A 170 11.29 4.19 -15.00
N ASN A 171 12.05 5.15 -15.51
CA ASN A 171 11.51 6.05 -16.53
C ASN A 171 11.09 5.27 -17.77
N LYS A 172 11.83 4.22 -18.13
CA LYS A 172 11.46 3.43 -19.29
C LYS A 172 10.19 2.63 -19.03
N GLN A 173 10.02 2.14 -17.80
CA GLN A 173 8.76 1.48 -17.43
C GLN A 173 7.58 2.44 -17.57
N GLN A 174 7.70 3.63 -16.98
CA GLN A 174 6.66 4.64 -17.08
C GLN A 174 6.30 4.90 -18.55
N GLY A 175 7.30 5.05 -19.39
CA GLY A 175 7.03 5.32 -20.80
C GLY A 175 6.43 4.12 -21.50
N LYS A 176 6.98 2.92 -21.26
CA LYS A 176 6.50 1.72 -21.92
C LYS A 176 5.03 1.45 -21.58
N ARG A 177 4.63 1.72 -20.34
CA ARG A 177 3.28 1.40 -19.90
C ARG A 177 2.30 2.55 -20.13
N GLY A 178 2.75 3.68 -20.65
CA GLY A 178 1.84 4.80 -20.85
C GLY A 178 1.36 5.46 -19.58
N TRP A 179 2.07 5.27 -18.46
CA TRP A 179 1.63 5.85 -17.20
C TRP A 179 1.77 7.37 -17.23
N GLY A 180 1.08 8.02 -16.30
CA GLY A 180 1.24 9.43 -16.05
C GLY A 180 2.44 9.72 -15.18
N GLN A 181 2.41 10.88 -14.53
CA GLN A 181 3.57 11.39 -13.80
C GLN A 181 3.84 10.61 -12.52
N LEU A 182 5.12 10.59 -12.12
CA LEU A 182 5.46 10.27 -10.74
C LEU A 182 4.85 11.31 -9.81
N THR A 183 3.95 10.87 -8.93
CA THR A 183 3.30 11.83 -8.03
C THR A 183 4.05 11.99 -6.71
N SER A 184 4.69 10.95 -6.20
CA SER A 184 5.43 11.08 -4.96
C SER A 184 6.25 9.83 -4.71
N ASN A 185 7.17 9.96 -3.75
CA ASN A 185 7.91 8.84 -3.17
C ASN A 185 7.62 8.83 -1.67
N LEU A 186 7.01 7.77 -1.18
CA LEU A 186 6.69 7.68 0.24
C LEU A 186 7.83 6.94 0.95
N LEU A 187 8.40 7.58 1.97
CA LEU A 187 9.39 6.94 2.83
C LEU A 187 8.66 6.27 3.99
N LEU A 188 8.95 4.99 4.20
CA LEU A 188 8.25 4.19 5.20
C LEU A 188 9.27 3.57 6.14
N ILE A 189 9.14 3.88 7.43
CA ILE A 189 10.00 3.29 8.46
C ILE A 189 9.11 2.75 9.56
N GLY A 190 9.09 1.43 9.70
CA GLY A 190 8.23 0.79 10.68
C GLY A 190 8.95 -0.09 11.67
N MET A 191 8.27 -0.39 12.77
CA MET A 191 8.76 -1.33 13.77
C MET A 191 8.33 -2.74 13.39
N GLU A 192 9.16 -3.71 13.80
CA GLU A 192 8.83 -5.11 13.59
C GLU A 192 7.41 -5.40 14.08
N GLY A 193 6.68 -6.19 13.31
CA GLY A 193 5.30 -6.51 13.63
C GLY A 193 4.27 -5.54 13.11
N ASN A 194 4.68 -4.36 12.64
CA ASN A 194 3.70 -3.39 12.12
C ASN A 194 2.99 -3.97 10.89
N VAL A 195 1.69 -3.69 10.81
CA VAL A 195 0.86 -4.13 9.68
C VAL A 195 0.14 -2.94 9.07
N THR A 196 0.14 -2.87 7.74
CA THR A 196 -0.77 -1.98 7.03
C THR A 196 -1.89 -2.83 6.46
N PRO A 197 -3.12 -2.69 6.93
CA PRO A 197 -4.19 -3.61 6.49
C PRO A 197 -4.52 -3.45 5.01
N ALA A 198 -5.13 -4.51 4.49
CA ALA A 198 -5.46 -4.62 3.08
C ALA A 198 -6.25 -3.43 2.57
N HIS A 199 -5.80 -2.89 1.44
CA HIS A 199 -6.45 -1.78 0.75
C HIS A 199 -5.93 -1.83 -0.68
N TYR A 200 -6.55 -1.02 -1.55
CA TYR A 200 -6.03 -0.80 -2.89
C TYR A 200 -5.81 0.69 -3.10
N ASP A 201 -4.89 1.01 -4.02
CA ASP A 201 -4.57 2.37 -4.40
C ASP A 201 -4.95 2.62 -5.86
N GLU A 202 -5.27 3.87 -6.18
CA GLU A 202 -5.58 4.29 -7.54
C GLU A 202 -4.35 4.85 -8.27
N GLN A 203 -3.18 4.33 -7.98
CA GLN A 203 -1.97 4.64 -8.72
C GLN A 203 -1.15 3.37 -8.87
N GLN A 204 -0.27 3.36 -9.86
CA GLN A 204 0.72 2.31 -10.04
C GLN A 204 1.85 2.50 -9.05
N ASN A 205 2.46 1.40 -8.61
CA ASN A 205 3.39 1.44 -7.48
C ASN A 205 4.56 0.51 -7.72
N PHE A 206 5.77 1.05 -7.70
CA PHE A 206 6.98 0.24 -7.52
C PHE A 206 7.45 0.43 -6.08
N PHE A 207 7.50 -0.69 -5.34
CA PHE A 207 7.68 -0.74 -3.89
C PHE A 207 9.08 -1.25 -3.63
N ALA A 208 9.99 -0.36 -3.21
CA ALA A 208 11.41 -0.64 -3.17
C ALA A 208 11.87 -0.85 -1.72
N GLN A 209 12.15 -2.11 -1.37
CA GLN A 209 12.56 -2.46 -0.03
C GLN A 209 14.04 -2.12 0.20
N ILE A 210 14.34 -1.54 1.38
CA ILE A 210 15.67 -1.01 1.69
C ILE A 210 16.30 -1.71 2.88
N LYS A 211 15.55 -1.84 3.98
CA LYS A 211 16.06 -2.45 5.21
C LYS A 211 15.02 -3.38 5.79
N GLY A 212 15.45 -4.53 6.25
CA GLY A 212 14.51 -5.47 6.82
C GLY A 212 13.60 -6.10 5.77
N TYR A 213 12.60 -6.83 6.26
CA TYR A 213 11.78 -7.71 5.44
C TYR A 213 10.30 -7.43 5.67
N LYS A 214 9.55 -7.35 4.58
CA LYS A 214 8.12 -7.13 4.61
C LYS A 214 7.43 -8.23 3.83
N ARG A 215 6.44 -8.86 4.47
CA ARG A 215 5.57 -9.81 3.80
C ARG A 215 4.43 -9.03 3.14
N CYS A 216 4.27 -9.23 1.84
CA CYS A 216 3.27 -8.54 1.04
C CYS A 216 2.29 -9.59 0.53
N ILE A 217 1.01 -9.40 0.84
CA ILE A 217 -0.04 -10.29 0.36
C ILE A 217 -0.97 -9.48 -0.53
N LEU A 218 -1.05 -9.86 -1.81
CA LEU A 218 -1.82 -9.12 -2.79
C LEU A 218 -3.06 -9.90 -3.22
N PHE A 219 -4.10 -9.17 -3.60
CA PHE A 219 -5.33 -9.77 -4.10
C PHE A 219 -5.74 -9.03 -5.38
N PRO A 220 -6.13 -9.73 -6.43
CA PRO A 220 -6.44 -9.05 -7.69
C PRO A 220 -7.73 -8.24 -7.58
N PRO A 221 -7.94 -7.31 -8.51
CA PRO A 221 -9.16 -6.48 -8.46
C PRO A 221 -10.44 -7.27 -8.55
N ASP A 222 -10.42 -8.48 -9.12
CA ASP A 222 -11.67 -9.25 -9.22
C ASP A 222 -12.06 -9.88 -7.90
N GLN A 223 -11.33 -9.64 -6.80
CA GLN A 223 -11.74 -10.10 -5.49
C GLN A 223 -12.41 -9.01 -4.66
N PHE A 224 -12.84 -7.91 -5.32
CA PHE A 224 -13.62 -6.87 -4.67
C PHE A 224 -14.73 -7.45 -3.81
N GLU A 225 -15.47 -8.42 -4.35
CA GLU A 225 -16.62 -9.01 -3.66
C GLU A 225 -16.23 -9.73 -2.38
N CYS A 226 -14.96 -10.11 -2.24
CA CYS A 226 -14.49 -10.87 -1.09
C CYS A 226 -13.89 -10.00 -0.01
N LEU A 227 -13.59 -8.73 -0.31
CA LEU A 227 -12.78 -7.91 0.57
C LEU A 227 -13.49 -6.68 1.12
N TYR A 228 -14.69 -6.37 0.64
CA TYR A 228 -15.60 -5.47 1.32
C TYR A 228 -14.99 -4.12 1.71
N PRO A 229 -14.55 -3.31 0.75
CA PRO A 229 -14.08 -1.97 1.08
C PRO A 229 -15.14 -1.15 1.81
N TYR A 230 -14.70 -0.25 2.66
CA TYR A 230 -15.60 0.70 3.26
C TYR A 230 -16.32 1.52 2.19
N PRO A 231 -17.45 2.13 2.55
CA PRO A 231 -18.07 3.12 1.66
C PRO A 231 -17.06 4.19 1.23
N VAL A 232 -17.26 4.69 0.01
CA VAL A 232 -16.31 5.64 -0.58
C VAL A 232 -16.19 6.90 0.28
N HIS A 233 -17.27 7.33 0.92
CA HIS A 233 -17.20 8.56 1.72
C HIS A 233 -16.70 8.31 3.14
N HIS A 234 -16.49 7.07 3.53
CA HIS A 234 -15.94 6.76 4.84
C HIS A 234 -14.45 7.12 4.89
N PRO A 235 -13.94 7.51 6.06
CA PRO A 235 -12.50 7.78 6.17
C PRO A 235 -11.63 6.66 5.63
N CYS A 236 -12.09 5.41 5.73
CA CYS A 236 -11.32 4.24 5.31
C CYS A 236 -11.71 3.77 3.91
N ASP A 237 -12.18 4.67 3.06
CA ASP A 237 -12.27 4.45 1.62
C ASP A 237 -11.04 3.70 1.14
N ARG A 238 -11.28 2.67 0.31
CA ARG A 238 -10.30 1.82 -0.37
C ARG A 238 -9.68 0.77 0.55
N GLN A 239 -9.96 0.79 1.86
CA GLN A 239 -9.45 -0.22 2.77
C GLN A 239 -10.52 -1.29 3.00
N SER A 240 -10.07 -2.52 3.23
CA SER A 240 -10.98 -3.62 3.54
C SER A 240 -11.58 -3.46 4.94
N GLN A 241 -12.87 -3.75 5.04
CA GLN A 241 -13.52 -3.79 6.33
C GLN A 241 -13.23 -5.06 7.12
N VAL A 242 -12.66 -6.08 6.49
CA VAL A 242 -12.47 -7.36 7.16
C VAL A 242 -11.27 -7.26 8.10
N ASP A 243 -11.49 -7.63 9.37
CA ASP A 243 -10.39 -7.82 10.31
C ASP A 243 -9.71 -9.15 9.97
N PHE A 244 -8.52 -9.07 9.35
CA PHE A 244 -7.82 -10.27 8.94
C PHE A 244 -7.49 -11.16 10.14
N ASP A 245 -7.33 -10.56 11.32
CA ASP A 245 -7.02 -11.33 12.53
C ASP A 245 -8.23 -12.00 13.15
N ASN A 246 -9.44 -11.56 12.79
CA ASN A 246 -10.67 -12.16 13.30
C ASN A 246 -11.80 -11.89 12.31
N PRO A 247 -11.85 -12.61 11.19
CA PRO A 247 -12.83 -12.28 10.15
C PRO A 247 -14.25 -12.63 10.56
N ASP A 248 -15.16 -11.69 10.32
CA ASP A 248 -16.57 -11.87 10.62
C ASP A 248 -17.24 -12.43 9.37
N TYR A 249 -17.35 -13.75 9.31
CA TYR A 249 -17.91 -14.41 8.13
C TYR A 249 -19.41 -14.21 8.00
N GLU A 250 -20.10 -13.80 9.07
CA GLU A 250 -21.51 -13.47 8.93
C GLU A 250 -21.69 -12.17 8.15
N ARG A 251 -20.86 -11.16 8.45
CA ARG A 251 -20.95 -9.90 7.70
C ARG A 251 -20.26 -9.99 6.35
N PHE A 252 -19.19 -10.79 6.25
CA PHE A 252 -18.32 -10.80 5.09
C PHE A 252 -18.14 -12.24 4.60
N PRO A 253 -19.21 -12.87 4.16
CA PRO A 253 -19.13 -14.31 3.83
C PRO A 253 -18.17 -14.66 2.71
N ASN A 254 -18.01 -13.81 1.71
CA ASN A 254 -17.10 -14.14 0.62
C ASN A 254 -15.64 -13.95 0.98
N PHE A 255 -15.33 -13.48 2.18
CA PHE A 255 -13.95 -13.55 2.62
C PHE A 255 -13.48 -15.00 2.75
N GLN A 256 -14.43 -15.95 2.86
CA GLN A 256 -14.08 -17.37 2.84
C GLN A 256 -13.60 -17.85 1.48
N ASN A 257 -13.68 -16.99 0.46
CA ASN A 257 -13.24 -17.33 -0.88
C ASN A 257 -11.98 -16.58 -1.32
N VAL A 258 -11.40 -15.75 -0.46
CA VAL A 258 -10.27 -14.93 -0.90
C VAL A 258 -9.03 -15.80 -1.06
N VAL A 259 -8.21 -15.44 -2.05
CA VAL A 259 -6.95 -16.14 -2.29
C VAL A 259 -5.89 -15.11 -2.62
N GLY A 260 -4.77 -15.15 -1.90
CA GLY A 260 -3.75 -14.14 -2.01
C GLY A 260 -2.54 -14.57 -2.82
N TYR A 261 -1.78 -13.56 -3.24
CA TYR A 261 -0.49 -13.70 -3.89
C TYR A 261 0.54 -13.11 -2.94
N GLU A 262 1.52 -13.91 -2.56
CA GLU A 262 2.33 -13.62 -1.38
C GLU A 262 3.81 -13.58 -1.71
N THR A 263 4.54 -12.69 -1.05
CA THR A 263 6.00 -12.67 -1.14
C THR A 263 6.55 -11.96 0.08
N VAL A 264 7.82 -12.21 0.36
CA VAL A 264 8.58 -11.44 1.34
C VAL A 264 9.68 -10.72 0.59
N VAL A 265 9.63 -9.39 0.59
CA VAL A 265 10.67 -8.59 -0.05
C VAL A 265 11.73 -8.22 1.00
N GLY A 266 12.99 -8.25 0.57
CA GLY A 266 14.07 -7.78 1.39
C GLY A 266 14.86 -6.69 0.69
N PRO A 267 15.94 -6.26 1.34
CA PRO A 267 16.77 -5.19 0.76
C PRO A 267 17.16 -5.49 -0.68
N GLY A 268 16.90 -4.52 -1.55
CA GLY A 268 17.23 -4.63 -2.95
C GLY A 268 16.11 -5.12 -3.83
N ASP A 269 15.06 -5.70 -3.25
CA ASP A 269 13.93 -6.18 -4.02
C ASP A 269 12.99 -5.02 -4.35
N VAL A 270 12.29 -5.16 -5.48
CA VAL A 270 11.27 -4.20 -5.89
C VAL A 270 10.03 -4.98 -6.28
N LEU A 271 8.91 -4.66 -5.65
CA LEU A 271 7.63 -5.29 -5.94
C LEU A 271 6.78 -4.35 -6.77
N TYR A 272 6.32 -4.81 -7.93
CA TYR A 272 5.32 -4.07 -8.69
C TYR A 272 3.96 -4.38 -8.07
N ILE A 273 3.33 -3.36 -7.48
CA ILE A 273 1.96 -3.48 -6.99
C ILE A 273 1.06 -2.78 -8.01
N PRO A 274 0.36 -3.51 -8.88
CA PRO A 274 -0.42 -2.83 -9.92
C PRO A 274 -1.59 -2.06 -9.33
N MET A 275 -1.92 -0.94 -9.99
CA MET A 275 -3.08 -0.15 -9.65
C MET A 275 -4.31 -1.03 -9.48
N TYR A 276 -5.06 -0.76 -8.42
CA TYR A 276 -6.29 -1.43 -8.00
C TYR A 276 -6.05 -2.77 -7.32
N TRP A 277 -4.84 -3.31 -7.31
CA TRP A 277 -4.60 -4.55 -6.61
C TRP A 277 -4.60 -4.31 -5.11
N TRP A 278 -5.37 -5.13 -4.39
CA TRP A 278 -5.36 -5.10 -2.94
C TRP A 278 -3.99 -5.52 -2.43
N HIS A 279 -3.55 -4.90 -1.34
CA HIS A 279 -2.31 -5.36 -0.72
C HIS A 279 -2.34 -5.15 0.79
N HIS A 280 -1.86 -6.18 1.48
CA HIS A 280 -1.65 -6.25 2.92
C HIS A 280 -0.14 -6.35 3.14
N ILE A 281 0.42 -5.47 3.96
CA ILE A 281 1.87 -5.38 4.13
C ILE A 281 2.19 -5.52 5.61
N GLU A 282 3.15 -6.39 5.94
CA GLU A 282 3.54 -6.51 7.34
C GLU A 282 5.05 -6.63 7.49
N SER A 283 5.58 -5.89 8.47
CA SER A 283 6.99 -6.00 8.84
C SER A 283 7.18 -7.23 9.70
N LEU A 284 8.13 -8.07 9.31
CA LEU A 284 8.24 -9.40 9.90
C LEU A 284 8.41 -9.31 11.42
N LEU A 285 7.74 -10.21 12.12
CA LEU A 285 7.90 -10.33 13.55
C LEU A 285 9.36 -10.56 13.91
N ASN A 286 9.83 -9.86 14.95
CA ASN A 286 11.19 -10.00 15.45
C ASN A 286 12.23 -9.74 14.37
N GLY A 287 11.88 -8.95 13.36
CA GLY A 287 12.77 -8.66 12.27
C GLY A 287 13.47 -7.32 12.32
N GLY A 288 13.26 -6.54 13.37
CA GLY A 288 13.84 -5.21 13.46
C GLY A 288 13.10 -4.22 12.59
N ILE A 289 13.63 -3.01 12.53
CA ILE A 289 12.93 -1.96 11.78
C ILE A 289 12.98 -2.27 10.29
N THR A 290 11.99 -1.76 9.56
CA THR A 290 11.94 -1.87 8.12
C THR A 290 11.97 -0.48 7.49
N ILE A 291 12.60 -0.39 6.33
CA ILE A 291 12.62 0.84 5.54
C ILE A 291 12.24 0.49 4.11
N THR A 292 11.32 1.28 3.54
CA THR A 292 10.85 1.12 2.17
C THR A 292 10.70 2.51 1.58
N VAL A 293 10.94 2.62 0.26
CA VAL A 293 10.56 3.80 -0.51
C VAL A 293 9.72 3.31 -1.67
N ASN A 294 8.55 3.92 -1.85
CA ASN A 294 7.74 3.55 -3.01
C ASN A 294 7.78 4.67 -4.05
N PHE A 295 7.22 4.32 -5.22
CA PHE A 295 7.20 5.18 -6.41
C PHE A 295 5.78 5.09 -6.95
N TRP A 296 4.98 6.14 -6.75
CA TRP A 296 3.58 6.14 -7.18
C TRP A 296 3.45 6.92 -8.49
N TYR A 297 2.84 6.27 -9.49
CA TYR A 297 2.60 6.86 -10.81
C TYR A 297 1.11 6.87 -11.10
N LYS A 298 0.62 7.96 -11.67
CA LYS A 298 -0.74 7.97 -12.19
C LYS A 298 -0.87 6.96 -13.32
N GLY A 299 -2.02 6.29 -13.35
CA GLY A 299 -2.25 5.29 -14.37
C GLY A 299 -2.46 5.90 -15.74
N ALA A 300 -2.39 5.03 -16.75
CA ALA A 300 -2.69 5.46 -18.11
C ALA A 300 -4.14 5.94 -18.20
N PRO A 301 -4.46 6.80 -19.15
CA PRO A 301 -5.84 7.29 -19.28
C PRO A 301 -6.78 6.20 -19.76
N THR A 302 -8.07 6.47 -19.58
CA THR A 302 -9.10 5.61 -20.14
C THR A 302 -8.86 5.46 -21.65
N PRO A 303 -8.89 4.26 -22.19
CA PRO A 303 -8.65 4.10 -23.63
C PRO A 303 -9.74 4.75 -24.46
N LYS A 304 -9.40 5.05 -25.71
CA LYS A 304 -10.34 5.72 -26.60
C LYS A 304 -11.52 4.81 -26.93
N ARG A 305 -11.24 3.56 -27.27
CA ARG A 305 -12.28 2.57 -27.57
C ARG A 305 -12.41 1.63 -26.37
N ILE A 306 -13.63 1.49 -25.88
CA ILE A 306 -13.91 0.59 -24.77
C ILE A 306 -14.19 -0.80 -25.32
N GLU A 307 -13.54 -1.80 -24.75
CA GLU A 307 -13.76 -3.19 -25.13
C GLU A 307 -14.61 -3.88 -24.07
N TYR A 308 -15.59 -4.65 -24.54
CA TYR A 308 -16.49 -5.37 -23.63
C TYR A 308 -16.26 -6.86 -23.71
N PRO A 309 -16.53 -7.61 -22.62
CA PRO A 309 -16.99 -7.08 -21.32
C PRO A 309 -15.86 -6.38 -20.56
N LEU A 310 -16.23 -5.51 -19.64
CA LEU A 310 -15.24 -4.69 -18.97
C LEU A 310 -14.36 -5.53 -18.05
N LYS A 311 -13.16 -5.02 -17.81
CA LYS A 311 -12.28 -5.64 -16.84
C LYS A 311 -12.74 -5.31 -15.42
N ALA A 312 -12.23 -6.11 -14.47
CA ALA A 312 -12.59 -5.89 -13.07
C ALA A 312 -12.26 -4.47 -12.63
N HIS A 313 -11.08 -3.95 -12.99
CA HIS A 313 -10.72 -2.62 -12.50
C HIS A 313 -11.63 -1.55 -13.09
N GLN A 314 -12.19 -1.78 -14.28
CA GLN A 314 -13.14 -0.82 -14.84
C GLN A 314 -14.45 -0.83 -14.07
N LYS A 315 -14.91 -2.00 -13.64
CA LYS A 315 -16.11 -2.05 -12.83
C LYS A 315 -15.88 -1.40 -11.47
N VAL A 316 -14.68 -1.55 -10.90
CA VAL A 316 -14.37 -0.85 -9.66
C VAL A 316 -14.45 0.65 -9.85
N ALA A 317 -13.87 1.15 -10.95
CA ALA A 317 -13.92 2.58 -11.23
C ALA A 317 -15.35 3.06 -11.35
N ILE A 318 -16.20 2.26 -12.00
CA ILE A 318 -17.62 2.64 -12.14
C ILE A 318 -18.29 2.69 -10.77
N MET A 319 -18.10 1.65 -9.96
CA MET A 319 -18.74 1.63 -8.65
C MET A 319 -18.32 2.83 -7.81
N ARG A 320 -17.02 3.15 -7.80
CA ARG A 320 -16.57 4.32 -7.07
C ARG A 320 -17.30 5.58 -7.56
N ASN A 321 -17.43 5.74 -8.88
CA ASN A 321 -18.03 6.95 -9.38
C ASN A 321 -19.52 7.02 -9.09
N ILE A 322 -20.21 5.86 -9.09
CA ILE A 322 -21.63 5.85 -8.72
C ILE A 322 -21.79 6.34 -7.28
N GLU A 323 -20.93 5.84 -6.39
CA GLU A 323 -21.01 6.27 -4.99
C GLU A 323 -20.71 7.76 -4.86
N LYS A 324 -19.72 8.26 -5.59
CA LYS A 324 -19.39 9.68 -5.52
C LYS A 324 -20.53 10.55 -6.04
N MET A 325 -21.10 10.16 -7.18
CA MET A 325 -22.17 10.96 -7.79
C MET A 325 -23.42 10.98 -6.93
N LEU A 326 -23.77 9.82 -6.35
CA LEU A 326 -24.94 9.79 -5.47
C LEU A 326 -24.73 10.64 -4.24
N GLY A 327 -23.55 10.57 -3.64
CA GLY A 327 -23.28 11.41 -2.49
C GLY A 327 -23.46 12.87 -2.80
N GLU A 328 -23.00 13.30 -3.98
CA GLU A 328 -23.16 14.69 -4.38
C GLU A 328 -24.62 15.00 -4.69
N ALA A 329 -25.29 14.14 -5.46
CA ALA A 329 -26.65 14.48 -5.89
C ALA A 329 -27.62 14.45 -4.72
N LEU A 330 -27.49 13.48 -3.82
CA LEU A 330 -28.37 13.42 -2.66
C LEU A 330 -28.05 14.48 -1.63
N GLY A 331 -26.92 15.16 -1.76
CA GLY A 331 -26.54 16.22 -0.85
C GLY A 331 -26.03 15.77 0.50
N ASN A 332 -25.86 14.48 0.70
CA ASN A 332 -25.48 13.96 2.01
C ASN A 332 -24.97 12.53 1.80
N PRO A 333 -23.71 12.23 2.12
CA PRO A 333 -23.22 10.86 1.87
C PRO A 333 -23.97 9.80 2.66
N GLN A 334 -24.61 10.16 3.77
CA GLN A 334 -25.33 9.16 4.55
C GLN A 334 -26.57 8.63 3.83
N GLU A 335 -27.05 9.33 2.81
CA GLU A 335 -28.22 8.86 2.08
C GLU A 335 -27.87 7.92 0.95
N VAL A 336 -26.59 7.65 0.71
CA VAL A 336 -26.20 6.80 -0.42
C VAL A 336 -26.65 5.36 -0.18
N GLY A 337 -26.39 4.82 1.00
CA GLY A 337 -26.78 3.47 1.33
C GLY A 337 -28.27 3.23 1.20
N PRO A 338 -29.07 4.06 1.87
CA PRO A 338 -30.53 3.90 1.76
C PRO A 338 -31.05 3.95 0.34
N LEU A 339 -30.52 4.84 -0.50
CA LEU A 339 -30.99 4.87 -1.88
C LEU A 339 -30.59 3.60 -2.61
N LEU A 340 -29.35 3.16 -2.44
CA LEU A 340 -28.91 1.94 -3.10
C LEU A 340 -29.75 0.74 -2.69
N ASN A 341 -30.05 0.63 -1.39
CA ASN A 341 -30.87 -0.51 -0.93
C ASN A 341 -32.28 -0.44 -1.52
N THR A 342 -32.88 0.76 -1.55
CA THR A 342 -34.18 0.93 -2.18
C THR A 342 -34.13 0.51 -3.64
N MET A 343 -33.01 0.78 -4.32
N MET A 343 -33.02 0.79 -4.33
CA MET A 343 -32.88 0.47 -5.74
CA MET A 343 -32.94 0.43 -5.74
C MET A 343 -32.84 -1.04 -5.99
C MET A 343 -32.97 -1.08 -5.93
N ILE A 344 -32.31 -1.83 -5.06
CA ILE A 344 -32.08 -3.24 -5.28
C ILE A 344 -33.11 -4.14 -4.60
N LYS A 345 -33.63 -3.79 -3.43
CA LYS A 345 -34.40 -4.76 -2.67
C LYS A 345 -35.65 -5.18 -3.45
N GLY A 346 -35.77 -6.47 -3.72
CA GLY A 346 -36.92 -6.97 -4.44
C GLY A 346 -36.95 -6.59 -5.90
N ARG A 347 -35.87 -6.00 -6.42
CA ARG A 347 -35.76 -5.59 -7.81
C ARG A 347 -34.58 -6.26 -8.50
N TYR A 348 -33.40 -6.27 -7.85
CA TYR A 348 -32.21 -6.89 -8.41
C TYR A 348 -31.59 -7.95 -7.51
N ASN A 349 -32.19 -8.27 -6.37
CA ASN A 349 -31.58 -9.22 -5.46
C ASN A 349 -32.46 -10.44 -5.18
N GLU B 3 -20.07 9.99 -23.73
CA GLU B 3 -19.79 10.87 -22.62
C GLU B 3 -20.01 10.18 -21.27
N VAL B 4 -21.24 9.69 -21.05
CA VAL B 4 -21.58 9.13 -19.74
C VAL B 4 -20.72 7.93 -19.42
N VAL B 5 -20.43 7.10 -20.43
CA VAL B 5 -19.61 5.91 -20.19
C VAL B 5 -18.21 6.32 -19.77
N LYS B 6 -17.61 7.26 -20.50
CA LYS B 6 -16.28 7.73 -20.10
C LYS B 6 -16.33 8.43 -18.75
N LEU B 7 -17.43 9.11 -18.44
CA LEU B 7 -17.58 9.69 -17.11
C LEU B 7 -17.49 8.62 -16.03
N LEU B 8 -18.26 7.53 -16.18
CA LEU B 8 -18.27 6.50 -15.15
C LEU B 8 -16.97 5.71 -15.11
N LEU B 9 -16.23 5.67 -16.22
CA LEU B 9 -15.00 4.89 -16.24
C LEU B 9 -13.79 5.64 -15.70
N GLU B 10 -13.92 6.94 -15.45
CA GLU B 10 -12.76 7.77 -15.09
C GLU B 10 -12.19 7.34 -13.75
N ALA B 11 -10.90 7.03 -13.74
CA ALA B 11 -10.22 6.66 -12.52
C ALA B 11 -9.88 7.89 -11.68
N GLY B 12 -9.90 7.73 -10.37
CA GLY B 12 -9.28 8.67 -9.47
C GLY B 12 -7.79 8.41 -9.35
N ALA B 13 -7.17 9.04 -8.34
CA ALA B 13 -5.75 8.88 -8.11
C ALA B 13 -5.42 8.83 -6.62
N ASP B 14 -6.37 8.43 -5.79
CA ASP B 14 -6.16 8.44 -4.35
C ASP B 14 -5.22 7.31 -3.93
N VAL B 15 -4.34 7.61 -2.97
CA VAL B 15 -3.41 6.64 -2.41
C VAL B 15 -3.40 6.82 -0.90
N ASN B 16 -2.76 5.86 -0.21
CA ASN B 16 -2.66 5.89 1.25
C ASN B 16 -1.56 6.87 1.70
N ALA B 17 -1.80 8.15 1.45
CA ALA B 17 -0.92 9.20 1.95
C ALA B 17 -1.80 10.42 2.26
N GLN B 18 -1.74 10.89 3.50
CA GLN B 18 -2.67 11.93 3.95
C GLN B 18 -2.39 13.26 3.26
N ASP B 19 -3.43 13.85 2.66
CA ASP B 19 -3.34 15.19 2.10
C ASP B 19 -3.37 16.25 3.21
N LYS B 20 -2.66 17.35 2.97
CA LYS B 20 -2.70 18.52 3.85
C LYS B 20 -3.68 19.57 3.34
ZN ZN C . -1.17 0.92 -0.77
S SO4 D . 3.55 1.97 26.65
O1 SO4 D . 4.49 2.37 27.68
O2 SO4 D . 2.20 2.34 27.04
O3 SO4 D . 3.62 0.52 26.46
O4 SO4 D . 3.90 2.65 25.40
S SO4 E . -9.67 -8.99 -14.90
O1 SO4 E . -8.99 -8.13 -13.93
O2 SO4 E . -10.94 -8.38 -15.29
O3 SO4 E . -9.94 -10.29 -14.29
O4 SO4 E . -8.83 -9.16 -16.08
S SO4 F . 6.95 -8.30 17.35
O1 SO4 F . 5.68 -7.83 16.80
O2 SO4 F . 7.36 -7.40 18.42
O3 SO4 F . 6.79 -9.65 17.88
O4 SO4 F . 7.97 -8.32 16.30
C01 QVQ G . 3.55 -0.32 4.46
C02 QVQ G . 1.49 1.64 -0.64
C03 QVQ G . 2.96 1.03 2.29
C04 QVQ G . 2.77 0.89 3.90
C05 QVQ G . 1.24 1.21 3.97
C06 QVQ G . 1.36 2.56 3.22
C07 QVQ G . 1.98 2.24 1.86
C08 QVQ G . 1.01 1.84 0.62
O01 QVQ G . 4.63 -0.67 3.67
O02 QVQ G . 3.22 -0.79 5.51
O03 QVQ G . 0.65 1.39 -1.65
O04 QVQ G . 2.72 1.69 -0.74
O05 QVQ G . -0.19 1.70 0.74
H04 QVQ G . 3.90 1.23 2.12
H03 QVQ G . 2.72 0.19 1.88
H05 QVQ G . 3.03 1.60 4.50
H07 QVQ G . 0.78 0.49 3.52
H06 QVQ G . 1.00 1.25 4.91
H09 QVQ G . 1.82 3.23 3.75
H08 QVQ G . 0.52 3.05 3.20
H10 QVQ G . 2.59 2.95 1.62
#